data_2C7A
#
_entry.id   2C7A
#
_cell.length_a   39.530
_cell.length_b   107.850
_cell.length_c   111.960
_cell.angle_alpha   90.00
_cell.angle_beta   90.00
_cell.angle_gamma   90.00
#
_symmetry.space_group_name_H-M   'P 21 21 21'
#
loop_
_entity.id
_entity.type
_entity.pdbx_description
1 polymer 'PROGESTERONE RECEPTOR'
2 polymer "5'-D(*CP*CP*AP*GP*AP*AP*CP*AP*GP*TP *TP*TP*GP*TP*TP*CP*TP*G)-3'"
3 polymer "5'-D(*CP*CP*AP*GP*AP*AP*CP*AP*AP*AP *CP*TP*GP*TP*TP*CP*TP*G)-3'"
4 non-polymer 'ZINC ION'
5 water water
#
loop_
_entity_poly.entity_id
_entity_poly.type
_entity_poly.pdbx_seq_one_letter_code
_entity_poly.pdbx_strand_id
1 'polypeptide(L)' PQKICLICGDEASGCHYGVLTCGSCKVFFKRAMEGQHNYLCAGRNDCIVDKIRRKNCPACRLRKCCQAGMVLGGRKFK A,B
2 'polydeoxyribonucleotide' (DC)(DC)(DA)(DG)(DA)(DA)(DC)(DA)(DG)(DT)(DT)(DT)(DG)(DT)(DT)(DC)(DT)(DG) C
3 'polydeoxyribonucleotide' (DC)(DC)(DA)(DG)(DA)(DA)(DC)(DA)(DA)(DA)(DC)(DT)(DG)(DT)(DT)(DC)(DT)(DG) D
#
loop_
_chem_comp.id
_chem_comp.type
_chem_comp.name
_chem_comp.formula
DA DNA linking 2'-DEOXYADENOSINE-5'-MONOPHOSPHATE 'C10 H14 N5 O6 P'
DC DNA linking 2'-DEOXYCYTIDINE-5'-MONOPHOSPHATE 'C9 H14 N3 O7 P'
DG DNA linking 2'-DEOXYGUANOSINE-5'-MONOPHOSPHATE 'C10 H14 N5 O7 P'
DT DNA linking THYMIDINE-5'-MONOPHOSPHATE 'C10 H15 N2 O8 P'
ZN non-polymer 'ZINC ION' 'Zn 2'
#
# COMPACT_ATOMS: atom_id res chain seq x y z
N PRO A 1 -17.26 24.26 -5.57
CA PRO A 1 -18.13 23.38 -6.43
C PRO A 1 -17.65 21.92 -6.56
N GLN A 2 -16.34 21.65 -6.55
CA GLN A 2 -15.84 20.27 -6.58
C GLN A 2 -16.07 19.60 -5.22
N LYS A 3 -16.70 18.43 -5.25
CA LYS A 3 -16.92 17.65 -4.03
C LYS A 3 -15.72 16.74 -3.73
N ILE A 4 -15.25 16.79 -2.48
CA ILE A 4 -14.02 16.08 -2.06
C ILE A 4 -14.36 14.81 -1.28
N CYS A 5 -13.83 13.68 -1.74
CA CYS A 5 -13.87 12.42 -0.98
C CYS A 5 -13.36 12.60 0.43
N LEU A 6 -14.16 12.19 1.40
CA LEU A 6 -13.80 12.39 2.81
C LEU A 6 -12.75 11.36 3.28
N ILE A 7 -12.50 10.35 2.46
CA ILE A 7 -11.55 9.31 2.82
C ILE A 7 -10.16 9.63 2.26
N CYS A 8 -10.09 9.97 0.98
CA CYS A 8 -8.79 10.12 0.37
C CYS A 8 -8.54 11.50 -0.24
N GLY A 9 -9.55 12.36 -0.27
CA GLY A 9 -9.36 13.70 -0.81
C GLY A 9 -9.38 13.84 -2.33
N ASP A 10 -9.62 12.74 -3.05
CA ASP A 10 -9.88 12.78 -4.48
C ASP A 10 -11.21 13.49 -4.72
N GLU A 11 -11.57 13.67 -5.98
CA GLU A 11 -12.88 14.19 -6.32
C GLU A 11 -13.94 13.15 -5.95
N ALA A 12 -14.96 13.59 -5.22
CA ALA A 12 -16.04 12.68 -4.84
C ALA A 12 -17.12 12.56 -5.92
N SER A 13 -17.69 11.37 -6.07
CA SER A 13 -18.70 11.11 -7.10
C SER A 13 -20.12 11.17 -6.55
N GLY A 14 -20.27 10.82 -5.29
CA GLY A 14 -21.58 10.85 -4.66
C GLY A 14 -21.52 10.58 -3.18
N CYS A 15 -22.68 10.35 -2.59
CA CYS A 15 -22.74 9.93 -1.19
C CYS A 15 -22.87 8.40 -1.17
N HIS A 16 -21.81 7.71 -0.75
CA HIS A 16 -21.79 6.24 -0.80
C HIS A 16 -21.66 5.62 0.56
N TYR A 17 -22.48 4.58 0.80
CA TYR A 17 -22.62 3.94 2.11
C TYR A 17 -22.68 4.94 3.26
N GLY A 18 -23.22 6.12 2.98
CA GLY A 18 -23.49 7.12 4.00
C GLY A 18 -22.55 8.31 4.07
N VAL A 19 -21.42 8.29 3.35
CA VAL A 19 -20.54 9.47 3.34
C VAL A 19 -20.11 9.91 1.94
N LEU A 20 -19.66 11.16 1.85
CA LEU A 20 -19.12 11.73 0.61
C LEU A 20 -17.82 11.02 0.22
N THR A 21 -17.88 10.15 -0.80
CA THR A 21 -16.65 9.53 -1.32
C THR A 21 -16.48 9.54 -2.83
N CYS A 22 -15.25 9.27 -3.24
CA CYS A 22 -14.94 8.90 -4.61
C CYS A 22 -15.34 7.44 -4.86
N GLY A 23 -15.39 7.07 -6.14
CA GLY A 23 -15.80 5.72 -6.50
C GLY A 23 -14.78 4.65 -6.11
N SER A 24 -13.52 5.01 -5.98
CA SER A 24 -12.49 4.03 -5.64
C SER A 24 -12.60 3.61 -4.18
N CYS A 25 -12.82 4.59 -3.30
CA CYS A 25 -13.06 4.30 -1.88
C CYS A 25 -14.39 3.56 -1.67
N LYS A 26 -15.40 3.96 -2.41
CA LYS A 26 -16.69 3.26 -2.43
C LYS A 26 -16.52 1.76 -2.58
N VAL A 27 -15.89 1.29 -3.68
CA VAL A 27 -15.71 -0.15 -3.89
C VAL A 27 -14.70 -0.75 -2.92
N PHE A 28 -13.65 0.02 -2.62
CA PHE A 28 -12.63 -0.48 -1.73
C PHE A 28 -13.33 -0.89 -0.44
N PHE A 29 -14.21 -0.02 0.04
CA PHE A 29 -14.89 -0.23 1.31
C PHE A 29 -15.70 -1.52 1.29
N LYS A 30 -16.49 -1.72 0.22
CA LYS A 30 -17.29 -2.93 0.06
C LYS A 30 -16.43 -4.19 -0.12
N ARG A 31 -15.44 -4.15 -1.00
CA ARG A 31 -14.52 -5.28 -1.10
C ARG A 31 -13.84 -5.61 0.24
N ALA A 32 -13.40 -4.59 0.96
CA ALA A 32 -12.66 -4.81 2.19
C ALA A 32 -13.53 -5.47 3.23
N MET A 33 -14.76 -4.96 3.38
CA MET A 33 -15.68 -5.46 4.39
C MET A 33 -16.18 -6.87 4.08
N GLU A 34 -16.21 -7.22 2.80
CA GLU A 34 -16.72 -8.51 2.39
C GLU A 34 -15.64 -9.54 2.10
N GLY A 35 -14.39 -9.09 1.96
CA GLY A 35 -13.29 -9.97 1.63
C GLY A 35 -12.87 -10.84 2.79
N GLN A 36 -11.89 -11.69 2.55
CA GLN A 36 -11.41 -12.61 3.56
C GLN A 36 -10.24 -12.02 4.39
N HIS A 37 -9.91 -10.74 4.19
CA HIS A 37 -8.67 -10.19 4.78
C HIS A 37 -8.90 -9.13 5.84
N ASN A 38 -8.38 -9.37 7.03
CA ASN A 38 -8.37 -8.32 8.04
C ASN A 38 -6.97 -7.73 7.94
N TYR A 39 -6.89 -6.56 7.32
CA TYR A 39 -5.62 -5.98 6.94
C TYR A 39 -4.86 -5.55 8.17
N LEU A 40 -3.56 -5.80 8.18
CA LEU A 40 -2.70 -5.38 9.29
C LEU A 40 -1.83 -4.21 8.83
N CYS A 41 -2.03 -3.04 9.43
CA CYS A 41 -1.21 -1.87 9.11
C CYS A 41 0.25 -2.17 9.44
N ALA A 42 1.14 -2.04 8.46
CA ALA A 42 2.57 -2.29 8.71
C ALA A 42 3.28 -1.13 9.45
N GLY A 43 2.60 0.02 9.59
CA GLY A 43 3.13 1.14 10.33
C GLY A 43 2.57 1.19 11.74
N ARG A 44 1.84 2.26 12.05
CA ARG A 44 1.27 2.45 13.39
C ARG A 44 -0.21 2.73 13.45
N ASN A 45 -0.98 2.27 12.45
CA ASN A 45 -2.43 2.55 12.39
C ASN A 45 -2.79 4.03 12.28
N ASP A 46 -1.86 4.74 11.67
CA ASP A 46 -1.72 6.18 11.58
C ASP A 46 -1.71 6.74 10.17
N CYS A 47 -1.68 5.85 9.17
CA CYS A 47 -1.20 6.21 7.85
C CYS A 47 -2.01 7.32 7.22
N ILE A 48 -1.38 8.11 6.38
CA ILE A 48 -2.11 9.16 5.66
C ILE A 48 -2.84 8.52 4.49
N VAL A 49 -4.11 8.84 4.32
CA VAL A 49 -4.85 8.32 3.20
C VAL A 49 -5.13 9.47 2.26
N ASP A 50 -4.33 9.61 1.22
CA ASP A 50 -4.59 10.66 0.23
C ASP A 50 -4.65 10.02 -1.14
N LYS A 51 -4.82 10.84 -2.16
CA LYS A 51 -5.10 10.33 -3.49
C LYS A 51 -4.00 9.39 -4.01
N ILE A 52 -2.74 9.82 -3.93
CA ILE A 52 -1.65 9.04 -4.50
C ILE A 52 -1.42 7.74 -3.74
N ARG A 53 -1.66 7.77 -2.43
CA ARG A 53 -1.25 6.67 -1.57
C ARG A 53 -2.39 5.86 -0.96
N ARG A 54 -3.63 6.11 -1.37
CA ARG A 54 -4.75 5.44 -0.71
C ARG A 54 -4.59 3.92 -0.76
N LYS A 55 -3.95 3.42 -1.82
CA LYS A 55 -3.78 1.98 -2.00
C LYS A 55 -2.72 1.40 -1.07
N ASN A 56 -1.83 2.28 -0.56
CA ASN A 56 -0.68 1.89 0.24
C ASN A 56 -1.07 1.03 1.44
N CYS A 57 -2.00 1.52 2.27
CA CYS A 57 -2.37 0.79 3.48
C CYS A 57 -3.87 0.55 3.62
N PRO A 58 -4.36 -0.58 3.11
CA PRO A 58 -5.79 -0.88 3.20
C PRO A 58 -6.31 -0.89 4.62
N ALA A 59 -5.50 -1.32 5.58
CA ALA A 59 -5.96 -1.25 6.97
C ALA A 59 -6.43 0.16 7.33
N CYS A 60 -5.56 1.15 7.11
CA CYS A 60 -5.86 2.54 7.52
C CYS A 60 -6.94 3.19 6.68
N ARG A 61 -6.99 2.80 5.42
CA ARG A 61 -8.04 3.32 4.54
C ARG A 61 -9.40 2.82 5.03
N LEU A 62 -9.46 1.54 5.39
CA LEU A 62 -10.70 0.97 5.87
C LEU A 62 -11.08 1.60 7.21
N ARG A 63 -10.11 1.71 8.10
CA ARG A 63 -10.33 2.40 9.35
C ARG A 63 -10.95 3.79 9.13
N LYS A 64 -10.33 4.55 8.22
CA LYS A 64 -10.81 5.88 7.89
C LYS A 64 -12.24 5.84 7.34
N CYS A 65 -12.54 4.83 6.50
CA CYS A 65 -13.91 4.66 6.01
C CYS A 65 -14.89 4.47 7.16
N CYS A 66 -14.59 3.54 8.06
CA CYS A 66 -15.54 3.24 9.13
C CYS A 66 -15.66 4.47 10.07
N GLN A 67 -14.55 5.08 10.42
CA GLN A 67 -14.58 6.25 11.29
C GLN A 67 -15.36 7.43 10.70
N ALA A 68 -15.43 7.49 9.38
CA ALA A 68 -16.14 8.58 8.69
C ALA A 68 -17.65 8.39 8.70
N GLY A 69 -18.09 7.17 9.04
CA GLY A 69 -19.51 6.85 9.09
C GLY A 69 -19.97 5.84 8.04
N MET A 70 -19.06 5.35 7.20
CA MET A 70 -19.43 4.39 6.15
C MET A 70 -19.94 3.10 6.75
N VAL A 71 -21.02 2.57 6.20
CA VAL A 71 -21.69 1.41 6.78
C VAL A 71 -22.21 0.61 5.61
N LEU A 72 -21.98 -0.68 5.64
CA LEU A 72 -22.57 -1.58 4.66
C LEU A 72 -24.10 -1.55 4.72
N GLY A 73 -24.72 -1.60 3.54
CA GLY A 73 -26.15 -1.78 3.41
C GLY A 73 -26.51 -2.17 1.98
N GLY A 74 -27.67 -2.78 1.81
CA GLY A 74 -28.24 -3.01 0.48
C GLY A 74 -28.75 -1.71 -0.13
N ARG A 75 -29.43 -1.82 -1.27
CA ARG A 75 -30.04 -0.65 -1.91
C ARG A 75 -31.32 -0.24 -1.18
N LYS A 76 -31.22 0.85 -0.43
CA LYS A 76 -32.29 1.36 0.43
C LYS A 76 -33.21 2.34 -0.31
N PHE A 77 -34.42 2.54 0.22
CA PHE A 77 -35.44 3.35 -0.45
C PHE A 77 -35.85 4.57 0.39
N LYS A 78 -36.27 5.64 -0.30
CA LYS A 78 -36.70 6.87 0.36
C LYS A 78 -38.23 6.98 0.42
N PRO B 1 18.06 -25.80 3.41
CA PRO B 1 17.08 -25.29 4.41
C PRO B 1 16.07 -24.32 3.79
N GLN B 2 16.55 -23.19 3.24
CA GLN B 2 15.76 -22.24 2.43
C GLN B 2 16.37 -20.85 2.43
N LYS B 3 16.70 -20.32 1.26
CA LYS B 3 17.23 -18.96 1.18
C LYS B 3 16.10 -17.94 1.38
N ILE B 4 16.33 -16.99 2.28
CA ILE B 4 15.32 -15.98 2.58
C ILE B 4 15.71 -14.56 2.11
N CYS B 5 14.83 -13.93 1.35
CA CYS B 5 14.98 -12.55 0.88
C CYS B 5 15.22 -11.58 2.04
N LEU B 6 16.31 -10.82 1.96
CA LEU B 6 16.69 -9.90 3.01
C LEU B 6 15.83 -8.64 3.06
N ILE B 7 15.05 -8.41 2.01
CA ILE B 7 14.07 -7.33 1.98
C ILE B 7 12.76 -7.72 2.63
N CYS B 8 12.11 -8.78 2.12
CA CYS B 8 10.76 -9.07 2.56
C CYS B 8 10.53 -10.38 3.32
N GLY B 9 11.51 -11.26 3.34
CA GLY B 9 11.37 -12.50 4.08
C GLY B 9 10.72 -13.62 3.27
N ASP B 10 10.33 -13.33 2.03
CA ASP B 10 9.89 -14.34 1.07
C ASP B 10 11.08 -15.23 0.74
N GLU B 11 10.82 -16.31 0.01
CA GLU B 11 11.87 -17.20 -0.45
C GLU B 11 12.68 -16.49 -1.51
N ALA B 12 13.99 -16.41 -1.29
CA ALA B 12 14.88 -15.74 -2.24
C ALA B 12 15.13 -16.62 -3.47
N SER B 13 15.37 -15.98 -4.60
CA SER B 13 15.63 -16.69 -5.85
C SER B 13 17.10 -16.68 -6.24
N GLY B 14 17.87 -15.76 -5.66
CA GLY B 14 19.30 -15.63 -5.93
C GLY B 14 19.85 -14.27 -5.50
N CYS B 15 21.10 -13.99 -5.87
CA CYS B 15 21.72 -12.73 -5.50
C CYS B 15 21.46 -11.70 -6.61
N HIS B 16 20.63 -10.69 -6.31
CA HIS B 16 20.18 -9.74 -7.33
C HIS B 16 20.59 -8.30 -7.01
N TYR B 17 21.29 -7.66 -7.94
CA TYR B 17 21.84 -6.32 -7.67
C TYR B 17 22.66 -6.27 -6.36
N GLY B 18 23.21 -7.41 -5.95
CA GLY B 18 24.16 -7.48 -4.85
C GLY B 18 23.67 -8.20 -3.59
N VAL B 19 22.37 -8.42 -3.50
CA VAL B 19 21.77 -8.88 -2.26
C VAL B 19 20.86 -10.07 -2.52
N LEU B 20 20.85 -11.00 -1.58
CA LEU B 20 19.93 -12.12 -1.57
C LEU B 20 18.51 -11.59 -1.50
N THR B 21 17.78 -11.68 -2.61
CA THR B 21 16.37 -11.29 -2.64
C THR B 21 15.48 -12.24 -3.41
N CYS B 22 14.18 -12.01 -3.28
CA CYS B 22 13.18 -12.78 -3.98
C CYS B 22 13.02 -12.15 -5.36
N GLY B 23 12.22 -12.78 -6.23
CA GLY B 23 12.00 -12.24 -7.56
C GLY B 23 11.27 -10.91 -7.57
N SER B 24 10.29 -10.74 -6.68
CA SER B 24 9.52 -9.49 -6.62
C SER B 24 10.36 -8.28 -6.16
N CYS B 25 11.19 -8.44 -5.15
CA CYS B 25 12.03 -7.31 -4.75
C CYS B 25 13.05 -6.97 -5.85
N LYS B 26 13.44 -7.98 -6.64
CA LYS B 26 14.32 -7.77 -7.76
C LYS B 26 13.70 -6.77 -8.74
N VAL B 27 12.55 -7.10 -9.32
CA VAL B 27 11.90 -6.17 -10.25
C VAL B 27 11.53 -4.87 -9.58
N PHE B 28 11.13 -4.97 -8.31
CA PHE B 28 10.68 -3.78 -7.60
C PHE B 28 11.80 -2.76 -7.58
N PHE B 29 12.97 -3.19 -7.11
CA PHE B 29 14.09 -2.30 -6.98
C PHE B 29 14.39 -1.70 -8.34
N LYS B 30 14.51 -2.56 -9.34
CA LYS B 30 14.81 -2.08 -10.68
C LYS B 30 13.82 -1.01 -11.12
N ARG B 31 12.52 -1.32 -11.02
CA ARG B 31 11.48 -0.35 -11.41
C ARG B 31 11.51 0.93 -10.56
N ALA B 32 11.75 0.77 -9.26
CA ALA B 32 11.75 1.92 -8.35
C ALA B 32 12.87 2.94 -8.64
N MET B 33 14.11 2.45 -8.78
CA MET B 33 15.25 3.31 -9.08
C MET B 33 15.12 3.93 -10.46
N GLU B 34 14.51 3.19 -11.38
CA GLU B 34 14.49 3.54 -12.80
C GLU B 34 13.55 4.69 -13.14
N GLY B 35 12.27 4.53 -12.82
CA GLY B 35 11.30 5.60 -12.99
C GLY B 35 11.49 6.56 -11.83
N GLN B 36 11.14 7.83 -11.99
CA GLN B 36 11.26 8.69 -10.82
C GLN B 36 9.87 8.84 -10.23
N HIS B 37 9.67 8.10 -9.14
CA HIS B 37 8.34 7.94 -8.56
C HIS B 37 8.18 8.85 -7.37
N ASN B 38 9.31 9.27 -6.80
CA ASN B 38 9.34 10.04 -5.56
C ASN B 38 8.38 9.49 -4.51
N TYR B 39 8.61 8.23 -4.14
CA TYR B 39 7.73 7.55 -3.20
C TYR B 39 7.85 8.18 -1.81
N LEU B 40 6.71 8.51 -1.19
CA LEU B 40 6.74 8.99 0.19
C LEU B 40 5.94 8.11 1.12
N CYS B 41 6.59 7.71 2.20
CA CYS B 41 5.93 6.93 3.22
C CYS B 41 4.74 7.73 3.74
N ALA B 42 3.59 7.06 3.83
CA ALA B 42 2.38 7.69 4.34
C ALA B 42 2.34 7.58 5.86
N GLY B 43 3.26 6.79 6.41
CA GLY B 43 3.43 6.72 7.85
C GLY B 43 4.70 7.45 8.26
N ARG B 44 5.54 6.78 9.04
CA ARG B 44 6.74 7.43 9.55
C ARG B 44 8.04 6.75 9.16
N ASN B 45 8.11 6.26 7.93
CA ASN B 45 9.31 5.60 7.42
C ASN B 45 9.74 4.40 8.24
N ASP B 46 8.73 3.82 8.87
CA ASP B 46 8.75 2.84 9.95
C ASP B 46 8.31 1.44 9.48
N CYS B 47 7.74 1.35 8.28
CA CYS B 47 6.92 0.21 7.89
C CYS B 47 7.63 -1.13 7.91
N ILE B 48 6.97 -2.14 8.45
CA ILE B 48 7.47 -3.48 8.30
C ILE B 48 7.27 -3.91 6.85
N VAL B 49 8.36 -4.32 6.23
CA VAL B 49 8.34 -4.84 4.86
C VAL B 49 8.37 -6.36 4.93
N ASP B 50 7.20 -7.00 4.88
CA ASP B 50 7.16 -8.47 4.92
C ASP B 50 6.45 -9.05 3.68
N LYS B 51 6.29 -10.37 3.62
CA LYS B 51 5.85 -11.01 2.38
C LYS B 51 4.46 -10.55 1.95
N ILE B 52 3.53 -10.50 2.88
CA ILE B 52 2.17 -10.10 2.58
C ILE B 52 2.03 -8.61 2.28
N ARG B 53 2.79 -7.76 2.97
CA ARG B 53 2.56 -6.32 2.86
C ARG B 53 3.62 -5.58 2.09
N ARG B 54 4.56 -6.29 1.47
CA ARG B 54 5.68 -5.59 0.83
C ARG B 54 5.27 -4.47 -0.13
N LYS B 55 4.14 -4.61 -0.81
CA LYS B 55 3.70 -3.63 -1.82
C LYS B 55 3.06 -2.40 -1.19
N ASN B 56 2.82 -2.48 0.11
CA ASN B 56 2.11 -1.45 0.86
C ASN B 56 2.85 -0.11 0.76
N CYS B 57 4.13 -0.12 1.11
CA CYS B 57 4.91 1.10 1.13
C CYS B 57 6.19 0.98 0.28
N PRO B 58 6.11 1.46 -0.96
CA PRO B 58 7.28 1.44 -1.84
C PRO B 58 8.44 2.28 -1.29
N ALA B 59 8.14 3.39 -0.64
CA ALA B 59 9.19 4.20 -0.05
C ALA B 59 10.03 3.38 0.94
N CYS B 60 9.39 2.70 1.89
CA CYS B 60 10.08 1.90 2.89
C CYS B 60 10.74 0.63 2.31
N ARG B 61 10.09 0.02 1.31
CA ARG B 61 10.63 -1.17 0.66
C ARG B 61 11.90 -0.82 -0.13
N LEU B 62 11.85 0.32 -0.82
CA LEU B 62 12.99 0.86 -1.56
C LEU B 62 14.13 1.24 -0.60
N ARG B 63 13.78 1.90 0.50
CA ARG B 63 14.79 2.29 1.48
C ARG B 63 15.52 1.06 2.01
N LYS B 64 14.75 0.03 2.41
CA LYS B 64 15.29 -1.26 2.83
C LYS B 64 16.22 -1.91 1.78
N CYS B 65 15.80 -1.90 0.52
CA CYS B 65 16.67 -2.35 -0.58
C CYS B 65 17.99 -1.59 -0.56
N CYS B 66 17.91 -0.25 -0.48
CA CYS B 66 19.13 0.56 -0.52
C CYS B 66 20.07 0.33 0.67
N GLN B 67 19.52 0.10 1.86
CA GLN B 67 20.31 -0.21 3.06
C GLN B 67 20.87 -1.64 3.05
N ALA B 68 20.22 -2.56 2.34
CA ALA B 68 20.71 -3.94 2.31
C ALA B 68 21.95 -4.02 1.42
N GLY B 69 22.09 -3.00 0.57
CA GLY B 69 23.25 -2.89 -0.31
C GLY B 69 22.93 -2.99 -1.79
N MET B 70 21.65 -3.11 -2.14
CA MET B 70 21.27 -3.25 -3.55
C MET B 70 21.73 -2.05 -4.36
N VAL B 71 22.36 -2.32 -5.49
CA VAL B 71 22.92 -1.28 -6.35
C VAL B 71 22.55 -1.60 -7.78
N LEU B 72 22.14 -0.57 -8.53
CA LEU B 72 21.82 -0.75 -9.93
C LEU B 72 23.07 -1.03 -10.78
N GLY B 73 22.88 -1.75 -11.89
CA GLY B 73 23.97 -2.15 -12.77
C GLY B 73 23.62 -3.36 -13.63
N GLY B 74 23.85 -3.24 -14.94
CA GLY B 74 23.41 -4.23 -15.92
C GLY B 74 24.39 -5.28 -16.42
N ARG B 75 24.39 -6.43 -15.75
CA ARG B 75 25.13 -7.65 -16.17
C ARG B 75 26.66 -7.55 -16.09
N LYS B 76 27.19 -7.69 -14.86
CA LYS B 76 28.61 -7.47 -14.55
C LYS B 76 29.55 -8.54 -15.12
N PHE B 77 29.68 -9.65 -14.58
ZN ZN E . -11.61 8.41 -2.04
ZN ZN F . -1.62 1.99 8.04
ZN ZN G . 11.53 -9.92 -1.30
ZN ZN H . 6.50 3.40 4.97
#